data_4H9D
#
_entry.id   4H9D
#
_cell.length_a   40.674
_cell.length_b   83.385
_cell.length_c   225.116
_cell.angle_alpha   90.000
_cell.angle_beta   90.000
_cell.angle_gamma   90.000
#
_symmetry.space_group_name_H-M   'I 2 2 2'
#
loop_
_entity.id
_entity.type
_entity.pdbx_description
1 polymer 'HNH endonuclease'
2 non-polymer 'ZINC ION'
3 non-polymer 'MAGNESIUM ION'
4 water water
#
_entity_poly.entity_id   1
_entity_poly.type   'polypeptide(L)'
_entity_poly.pdbx_seq_one_letter_code
;(MSE)NYFIVEVSEQEVKREKEKARELRRSQWWKNRIARGICHYCGEIFPPEELT(MSE)DHLVPVVRGGKSTRGNVVPA
CKECNNRKKYLLPVEWEEYLDSLESEPSDGEGLEHHHHHH
;
_entity_poly.pdbx_strand_id   A,B,C
#
# COMPACT_ATOMS: atom_id res chain seq x y z
N ASN A 2 8.20 -13.83 -23.88
CA ASN A 2 9.48 -13.14 -23.79
C ASN A 2 9.27 -11.85 -23.00
N TYR A 3 10.29 -11.41 -22.29
CA TYR A 3 10.17 -10.19 -21.51
C TYR A 3 11.54 -9.63 -21.22
N PHE A 4 11.58 -8.35 -20.89
CA PHE A 4 12.82 -7.69 -20.57
C PHE A 4 12.60 -6.60 -19.52
N ILE A 5 13.66 -6.30 -18.78
CA ILE A 5 13.60 -5.28 -17.73
C ILE A 5 14.08 -3.97 -18.33
N VAL A 6 13.31 -2.91 -18.14
CA VAL A 6 13.72 -1.61 -18.62
C VAL A 6 14.07 -0.83 -17.35
N GLU A 7 15.19 -0.15 -17.35
CA GLU A 7 15.55 0.59 -16.15
C GLU A 7 15.47 2.09 -16.36
N VAL A 8 15.13 2.80 -15.29
CA VAL A 8 15.03 4.24 -15.33
C VAL A 8 15.94 4.73 -14.22
N SER A 9 17.06 5.33 -14.60
CA SER A 9 18.02 5.83 -13.63
C SER A 9 17.44 6.94 -12.76
N GLU A 10 18.06 7.16 -11.59
CA GLU A 10 17.61 8.21 -10.69
C GLU A 10 18.03 9.57 -11.23
N GLN A 11 18.87 9.54 -12.26
CA GLN A 11 19.32 10.76 -12.90
C GLN A 11 18.15 11.15 -13.83
N GLU A 12 17.61 10.14 -14.51
CA GLU A 12 16.48 10.33 -15.42
C GLU A 12 15.23 10.75 -14.65
N VAL A 13 15.01 10.15 -13.49
CA VAL A 13 13.81 10.49 -12.71
C VAL A 13 13.84 11.93 -12.24
N LYS A 14 14.98 12.38 -11.75
CA LYS A 14 15.09 13.76 -11.28
C LYS A 14 14.89 14.66 -12.48
N ARG A 15 15.63 14.38 -13.54
CA ARG A 15 15.57 15.16 -14.76
C ARG A 15 14.14 15.43 -15.17
N GLU A 16 13.28 14.42 -15.04
CA GLU A 16 11.87 14.54 -15.39
C GLU A 16 11.10 15.27 -14.32
N LYS A 17 11.52 15.10 -13.07
CA LYS A 17 10.85 15.75 -11.95
C LYS A 17 11.13 17.25 -11.93
N GLU A 18 12.20 17.67 -12.60
CA GLU A 18 12.56 19.07 -12.67
C GLU A 18 11.81 19.71 -13.83
N LYS A 19 11.82 19.07 -14.98
CA LYS A 19 11.10 19.59 -16.13
C LYS A 19 9.62 19.67 -15.75
N ALA A 20 9.16 18.79 -14.88
CA ALA A 20 7.77 18.80 -14.46
C ALA A 20 7.51 20.08 -13.64
N ARG A 21 8.38 20.32 -12.66
CA ARG A 21 8.27 21.50 -11.81
C ARG A 21 8.25 22.77 -12.65
N GLU A 22 8.94 22.74 -13.77
CA GLU A 22 8.99 23.89 -14.65
C GLU A 22 7.74 23.93 -15.48
N LEU A 23 7.26 22.76 -15.89
CA LEU A 23 6.07 22.68 -16.73
C LEU A 23 4.86 23.06 -15.93
N ARG A 24 4.90 22.80 -14.64
CA ARG A 24 3.79 23.11 -13.76
C ARG A 24 3.62 24.60 -13.56
N ARG A 25 4.71 25.35 -13.75
CA ARG A 25 4.68 26.80 -13.59
C ARG A 25 4.39 27.56 -14.87
N SER A 26 4.28 26.87 -15.99
CA SER A 26 4.03 27.50 -17.29
C SER A 26 2.63 28.09 -17.41
N GLN A 27 2.50 29.12 -18.23
CA GLN A 27 1.20 29.75 -18.47
C GLN A 27 0.27 28.67 -18.98
N TRP A 28 0.82 27.84 -19.86
CA TRP A 28 0.12 26.72 -20.49
C TRP A 28 -0.56 25.81 -19.49
N TRP A 29 0.13 25.49 -18.40
CA TRP A 29 -0.46 24.61 -17.38
C TRP A 29 -1.52 25.34 -16.59
N LYS A 30 -1.20 26.55 -16.16
CA LYS A 30 -2.13 27.39 -15.42
C LYS A 30 -3.42 27.47 -16.21
N ASN A 31 -3.28 27.61 -17.53
CA ASN A 31 -4.47 27.69 -18.36
C ASN A 31 -5.26 26.39 -18.29
N ARG A 32 -4.57 25.28 -18.48
CA ARG A 32 -5.22 23.98 -18.45
C ARG A 32 -5.99 23.71 -17.16
N ILE A 33 -5.40 23.94 -15.99
CA ILE A 33 -6.17 23.68 -14.77
C ILE A 33 -7.21 24.76 -14.52
N ALA A 34 -7.02 25.92 -15.14
CA ALA A 34 -7.96 27.02 -15.02
C ALA A 34 -9.31 26.53 -15.52
N ARG A 35 -9.28 25.68 -16.54
CA ARG A 35 -10.48 25.11 -17.12
C ARG A 35 -11.17 24.23 -16.10
N GLY A 36 -10.41 23.76 -15.12
CA GLY A 36 -10.95 22.92 -14.06
C GLY A 36 -11.55 21.58 -14.40
N ILE A 37 -11.10 20.98 -15.50
CA ILE A 37 -11.63 19.67 -15.89
C ILE A 37 -10.64 18.56 -15.54
N CYS A 38 -11.10 17.55 -14.81
CA CYS A 38 -10.25 16.43 -14.43
C CYS A 38 -10.17 15.48 -15.63
N HIS A 39 -8.95 15.17 -16.06
CA HIS A 39 -8.77 14.34 -17.24
C HIS A 39 -9.35 12.94 -17.17
N TYR A 40 -9.38 12.36 -15.97
CA TYR A 40 -9.91 11.01 -15.80
C TYR A 40 -11.41 10.96 -15.68
N CYS A 41 -11.98 11.66 -14.70
CA CYS A 41 -13.44 11.62 -14.56
C CYS A 41 -14.23 12.70 -15.32
N GLY A 42 -13.54 13.69 -15.88
CA GLY A 42 -14.22 14.73 -16.61
C GLY A 42 -15.10 15.63 -15.76
N GLU A 43 -15.01 15.47 -14.45
CA GLU A 43 -15.78 16.26 -13.51
C GLU A 43 -15.10 17.62 -13.40
N ILE A 44 -15.81 18.63 -12.90
CA ILE A 44 -15.21 19.96 -12.77
C ILE A 44 -14.79 20.26 -11.34
N PHE A 45 -13.59 20.85 -11.19
CA PHE A 45 -13.03 21.19 -9.88
C PHE A 45 -12.35 22.54 -9.89
N PRO A 46 -12.14 23.10 -8.69
CA PRO A 46 -11.47 24.39 -8.59
C PRO A 46 -9.98 24.10 -8.74
N PRO A 47 -9.26 24.94 -9.48
CA PRO A 47 -7.81 24.83 -9.76
C PRO A 47 -6.96 24.35 -8.59
N GLU A 48 -7.34 24.70 -7.37
CA GLU A 48 -6.57 24.27 -6.22
C GLU A 48 -6.69 22.76 -6.07
N GLU A 49 -7.86 22.22 -6.37
CA GLU A 49 -8.12 20.78 -6.24
C GLU A 49 -7.55 19.86 -7.31
N LEU A 50 -6.84 20.42 -8.28
CA LEU A 50 -6.24 19.59 -9.33
C LEU A 50 -4.73 19.45 -9.13
N THR A 51 -4.18 18.36 -9.61
CA THR A 51 -2.75 18.10 -9.52
C THR A 51 -2.26 17.66 -10.89
N ASP A 53 -0.61 15.03 -13.29
CA ASP A 53 -0.34 13.60 -13.32
C ASP A 53 0.26 13.23 -14.66
N HIS A 54 1.12 12.22 -14.64
CA HIS A 54 1.72 11.75 -15.88
C HIS A 54 0.96 10.49 -16.26
N LEU A 55 0.41 10.47 -17.46
CA LEU A 55 -0.33 9.31 -17.93
C LEU A 55 0.61 8.13 -17.75
N VAL A 56 1.79 8.27 -18.32
CA VAL A 56 2.85 7.29 -18.23
C VAL A 56 3.76 7.75 -17.10
N PRO A 57 3.73 7.05 -15.95
CA PRO A 57 4.57 7.41 -14.80
C PRO A 57 6.02 7.66 -15.17
N VAL A 58 6.68 8.54 -14.43
CA VAL A 58 8.09 8.86 -14.69
C VAL A 58 8.98 7.64 -14.42
N VAL A 59 8.66 6.87 -13.38
CA VAL A 59 9.44 5.68 -13.03
C VAL A 59 9.18 4.55 -14.02
N ARG A 60 8.25 4.77 -14.94
CA ARG A 60 7.96 3.78 -15.96
C ARG A 60 8.46 4.30 -17.30
N GLY A 61 9.36 5.27 -17.24
CA GLY A 61 9.91 5.85 -18.46
C GLY A 61 9.24 7.11 -18.99
N GLY A 62 8.00 7.36 -18.58
CA GLY A 62 7.28 8.54 -19.03
C GLY A 62 8.02 9.87 -18.85
N LYS A 63 7.73 10.80 -19.76
CA LYS A 63 8.36 12.11 -19.72
C LYS A 63 7.43 13.21 -19.21
N SER A 64 8.02 14.33 -18.79
CA SER A 64 7.23 15.46 -18.33
C SER A 64 7.08 16.37 -19.55
N THR A 65 6.01 16.15 -20.31
CA THR A 65 5.75 16.95 -21.50
C THR A 65 4.24 17.14 -21.61
N ARG A 66 3.82 18.18 -22.33
CA ARG A 66 2.39 18.45 -22.49
C ARG A 66 1.60 17.21 -22.86
N GLY A 67 2.21 16.36 -23.69
CA GLY A 67 1.54 15.14 -24.11
C GLY A 67 1.30 14.09 -23.03
N ASN A 68 2.30 13.87 -22.17
CA ASN A 68 2.19 12.88 -21.11
C ASN A 68 1.70 13.49 -19.79
N VAL A 69 1.58 14.79 -19.75
CA VAL A 69 1.13 15.48 -18.56
C VAL A 69 -0.37 15.75 -18.70
N VAL A 70 -1.09 15.68 -17.59
CA VAL A 70 -2.53 15.85 -17.59
C VAL A 70 -3.04 16.28 -16.20
N PRO A 71 -4.14 17.06 -16.14
CA PRO A 71 -4.71 17.53 -14.85
C PRO A 71 -5.58 16.46 -14.22
N ALA A 72 -5.43 16.22 -12.93
CA ALA A 72 -6.26 15.22 -12.28
C ALA A 72 -6.68 15.66 -10.89
N CYS A 73 -7.87 15.24 -10.47
CA CYS A 73 -8.39 15.57 -9.14
C CYS A 73 -7.82 14.60 -8.11
N LYS A 74 -7.87 15.00 -6.84
CA LYS A 74 -7.35 14.18 -5.75
C LYS A 74 -7.64 12.68 -5.86
N GLU A 75 -8.93 12.33 -5.86
CA GLU A 75 -9.41 10.95 -5.94
C GLU A 75 -8.88 10.14 -7.12
N CYS A 76 -8.99 10.69 -8.32
CA CYS A 76 -8.53 10.01 -9.53
C CYS A 76 -7.02 9.82 -9.52
N ASN A 77 -6.29 10.84 -9.07
CA ASN A 77 -4.84 10.73 -9.07
C ASN A 77 -4.30 9.57 -8.24
N ASN A 78 -4.92 9.31 -7.08
CA ASN A 78 -4.47 8.22 -6.21
C ASN A 78 -4.97 6.87 -6.71
N ARG A 79 -6.29 6.78 -6.89
CA ARG A 79 -6.92 5.57 -7.37
C ARG A 79 -6.23 5.00 -8.59
N LYS A 80 -5.65 5.87 -9.41
CA LYS A 80 -4.99 5.38 -10.61
C LYS A 80 -3.69 4.71 -10.19
N LYS A 81 -3.24 4.99 -8.97
CA LYS A 81 -2.01 4.41 -8.45
C LYS A 81 -2.17 3.12 -7.64
N TYR A 82 -3.22 3.03 -6.82
CA TYR A 82 -3.41 1.82 -6.02
C TYR A 82 -4.46 0.84 -6.52
N LEU A 83 -5.10 1.12 -7.64
CA LEU A 83 -6.10 0.18 -8.18
C LEU A 83 -5.42 -0.52 -9.34
N LEU A 84 -5.65 -1.83 -9.50
CA LEU A 84 -5.01 -2.53 -10.62
C LEU A 84 -5.75 -2.17 -11.90
N PRO A 85 -5.06 -2.24 -13.04
CA PRO A 85 -5.68 -1.91 -14.34
C PRO A 85 -7.16 -2.29 -14.53
N VAL A 86 -7.62 -3.32 -13.84
CA VAL A 86 -9.01 -3.74 -14.00
C VAL A 86 -9.97 -3.07 -13.04
N GLU A 87 -9.49 -2.69 -11.86
CA GLU A 87 -10.33 -2.03 -10.89
C GLU A 87 -10.49 -0.60 -11.38
N TRP A 88 -9.46 -0.09 -12.05
CA TRP A 88 -9.45 1.26 -12.58
C TRP A 88 -10.53 1.37 -13.65
N GLU A 89 -10.43 0.54 -14.69
CA GLU A 89 -11.42 0.56 -15.76
C GLU A 89 -12.80 0.64 -15.15
N GLU A 90 -13.15 -0.36 -14.37
CA GLU A 90 -14.45 -0.43 -13.70
C GLU A 90 -14.74 0.87 -12.93
N TYR A 91 -13.70 1.42 -12.29
CA TYR A 91 -13.86 2.68 -11.55
C TYR A 91 -14.31 3.76 -12.53
N LEU A 92 -13.64 3.83 -13.68
CA LEU A 92 -13.98 4.79 -14.71
C LEU A 92 -15.38 4.47 -15.22
N ASP A 93 -15.50 3.28 -15.81
CA ASP A 93 -16.77 2.81 -16.36
C ASP A 93 -17.93 2.85 -15.37
N SER A 94 -17.68 3.31 -14.15
CA SER A 94 -18.75 3.40 -13.15
C SER A 94 -19.05 4.83 -12.73
N LEU A 95 -18.66 5.78 -13.58
CA LEU A 95 -18.93 7.20 -13.34
C LEU A 95 -20.18 7.53 -14.15
N GLU A 96 -21.19 8.10 -13.51
CA GLU A 96 -22.43 8.42 -14.22
C GLU A 96 -22.31 9.70 -15.03
N SER A 97 -22.84 10.79 -14.49
CA SER A 97 -22.80 12.08 -15.16
C SER A 97 -23.22 13.15 -14.15
N VAL B 6 15.31 -15.98 23.03
CA VAL B 6 14.28 -16.59 22.13
C VAL B 6 14.76 -16.53 20.67
N GLU B 7 16.08 -16.60 20.50
CA GLU B 7 16.71 -16.55 19.19
C GLU B 7 16.61 -17.91 18.48
N VAL B 8 16.59 -17.89 17.15
CA VAL B 8 16.46 -19.11 16.37
C VAL B 8 17.76 -19.48 15.66
N SER B 9 17.84 -20.72 15.19
CA SER B 9 19.04 -21.20 14.49
C SER B 9 19.13 -20.66 13.07
N GLU B 10 20.31 -20.78 12.47
CA GLU B 10 20.54 -20.29 11.12
C GLU B 10 19.81 -21.10 10.05
N GLN B 11 19.71 -22.42 10.24
CA GLN B 11 19.01 -23.25 9.26
C GLN B 11 17.52 -23.04 9.44
N GLU B 12 17.17 -21.99 10.18
CA GLU B 12 15.79 -21.62 10.42
C GLU B 12 15.63 -20.19 9.93
N VAL B 13 16.56 -19.32 10.33
CA VAL B 13 16.54 -17.93 9.91
C VAL B 13 16.60 -17.91 8.39
N LYS B 14 16.92 -19.07 7.81
CA LYS B 14 16.97 -19.21 6.37
C LYS B 14 15.80 -20.09 5.96
N ARG B 15 15.49 -21.07 6.79
CA ARG B 15 14.39 -21.96 6.50
C ARG B 15 13.12 -21.16 6.19
N GLU B 16 13.10 -19.91 6.66
CA GLU B 16 11.96 -19.04 6.42
C GLU B 16 12.19 -18.05 5.29
N LYS B 17 13.39 -17.46 5.25
CA LYS B 17 13.71 -16.51 4.19
C LYS B 17 13.54 -17.15 2.82
N GLU B 18 13.09 -18.40 2.83
CA GLU B 18 12.81 -19.16 1.62
C GLU B 18 11.32 -19.01 1.41
N LYS B 19 10.54 -19.32 2.45
CA LYS B 19 9.09 -19.18 2.37
C LYS B 19 8.78 -17.71 2.12
N ALA B 20 9.81 -16.88 2.25
CA ALA B 20 9.72 -15.44 2.02
C ALA B 20 9.72 -15.20 0.51
N ARG B 21 10.84 -15.53 -0.12
CA ARG B 21 11.01 -15.39 -1.56
C ARG B 21 9.91 -16.14 -2.33
N GLU B 22 9.39 -17.21 -1.72
CA GLU B 22 8.34 -18.01 -2.34
C GLU B 22 6.96 -17.35 -2.21
N LEU B 23 6.82 -16.50 -1.18
CA LEU B 23 5.58 -15.78 -0.94
C LEU B 23 5.70 -14.49 -1.74
N ARG B 24 6.87 -13.89 -1.66
CA ARG B 24 7.20 -12.67 -2.37
C ARG B 24 6.95 -12.88 -3.87
N ARG B 25 6.68 -14.12 -4.26
CA ARG B 25 6.42 -14.44 -5.66
C ARG B 25 5.12 -15.21 -5.80
N SER B 26 4.00 -14.50 -5.68
CA SER B 26 2.66 -15.07 -5.78
C SER B 26 1.69 -13.92 -6.07
N GLN B 27 0.44 -14.24 -6.35
CA GLN B 27 -0.51 -13.17 -6.64
C GLN B 27 -0.62 -12.18 -5.48
N TRP B 28 -0.91 -12.69 -4.29
CA TRP B 28 -1.03 -11.84 -3.12
C TRP B 28 0.06 -10.79 -3.05
N TRP B 29 1.32 -11.22 -2.94
CA TRP B 29 2.36 -10.22 -2.84
C TRP B 29 2.56 -9.42 -4.11
N LYS B 30 2.27 -10.04 -5.24
CA LYS B 30 2.44 -9.37 -6.53
C LYS B 30 1.56 -8.12 -6.60
N ASN B 31 0.25 -8.30 -6.44
CA ASN B 31 -0.69 -7.19 -6.48
C ASN B 31 -0.37 -6.24 -5.33
N ARG B 32 -0.07 -6.81 -4.17
CA ARG B 32 0.24 -6.02 -3.00
C ARG B 32 1.25 -4.91 -3.32
N ILE B 33 2.34 -5.26 -4.01
CA ILE B 33 3.32 -4.25 -4.37
C ILE B 33 2.85 -3.46 -5.61
N ALA B 34 1.90 -4.03 -6.36
CA ALA B 34 1.39 -3.32 -7.53
C ALA B 34 0.64 -2.10 -7.02
N ARG B 35 -0.17 -2.29 -5.99
CA ARG B 35 -0.92 -1.17 -5.39
C ARG B 35 0.06 -0.09 -4.93
N GLY B 36 1.14 -0.50 -4.28
CA GLY B 36 2.12 0.48 -3.84
C GLY B 36 1.91 1.06 -2.46
N ILE B 37 0.80 0.73 -1.80
CA ILE B 37 0.51 1.27 -0.47
C ILE B 37 1.39 0.71 0.65
N CYS B 38 2.08 1.58 1.37
CA CYS B 38 2.94 1.17 2.47
C CYS B 38 2.13 0.94 3.74
N HIS B 39 2.21 -0.28 4.27
CA HIS B 39 1.47 -0.66 5.47
C HIS B 39 1.45 0.35 6.61
N TYR B 40 2.64 0.85 6.95
CA TYR B 40 2.83 1.78 8.06
C TYR B 40 2.35 3.21 7.91
N CYS B 41 2.86 3.93 6.92
CA CYS B 41 2.50 5.34 6.72
C CYS B 41 1.41 5.58 5.69
N GLY B 42 0.91 4.51 5.08
CA GLY B 42 -0.16 4.65 4.09
C GLY B 42 0.14 5.35 2.78
N GLU B 43 1.37 5.78 2.57
CA GLU B 43 1.69 6.47 1.31
C GLU B 43 1.86 5.48 0.16
N ILE B 44 1.71 5.98 -1.07
CA ILE B 44 1.85 5.16 -2.26
C ILE B 44 3.23 5.35 -2.90
N PHE B 45 3.88 4.23 -3.25
CA PHE B 45 5.23 4.23 -3.85
C PHE B 45 5.26 3.27 -5.03
N PRO B 46 6.35 3.31 -5.84
CA PRO B 46 6.48 2.42 -7.00
C PRO B 46 6.70 1.01 -6.47
N PRO B 47 6.08 0.01 -7.10
CA PRO B 47 6.21 -1.38 -6.68
C PRO B 47 7.60 -1.81 -6.24
N GLU B 48 8.64 -1.17 -6.79
CA GLU B 48 10.02 -1.51 -6.45
C GLU B 48 10.47 -0.93 -5.11
N GLU B 49 9.95 0.24 -4.74
CA GLU B 49 10.35 0.88 -3.49
C GLU B 49 9.67 0.37 -2.23
N LEU B 50 9.06 -0.80 -2.31
CA LEU B 50 8.42 -1.41 -1.16
C LEU B 50 9.14 -2.72 -0.81
N THR B 51 9.31 -2.97 0.48
CA THR B 51 10.02 -4.15 0.94
C THR B 51 9.10 -5.07 1.73
N ASP B 53 8.42 -6.79 4.87
CA ASP B 53 8.86 -6.61 6.24
C ASP B 53 8.10 -7.56 7.15
N HIS B 54 8.81 -8.16 8.10
CA HIS B 54 8.20 -9.11 9.04
C HIS B 54 7.79 -8.42 10.35
N LEU B 55 6.57 -8.70 10.81
CA LEU B 55 6.14 -8.11 12.07
C LEU B 55 7.02 -8.76 13.14
N VAL B 56 6.79 -10.04 13.43
CA VAL B 56 7.65 -10.76 14.38
C VAL B 56 8.84 -11.19 13.51
N PRO B 57 10.06 -10.80 13.88
CA PRO B 57 11.28 -11.15 13.14
C PRO B 57 11.39 -12.62 12.85
N VAL B 58 12.21 -12.95 11.86
CA VAL B 58 12.42 -14.34 11.50
C VAL B 58 13.25 -15.02 12.60
N VAL B 59 14.18 -14.25 13.15
CA VAL B 59 15.09 -14.72 14.20
C VAL B 59 14.47 -14.72 15.60
N ARG B 60 13.15 -14.75 15.66
CA ARG B 60 12.43 -14.77 16.93
C ARG B 60 11.27 -15.74 16.81
N GLY B 61 11.33 -16.57 15.78
CA GLY B 61 10.28 -17.54 15.55
C GLY B 61 9.25 -17.05 14.56
N GLY B 62 9.40 -15.78 14.15
CA GLY B 62 8.48 -15.20 13.20
C GLY B 62 8.45 -15.98 11.90
N LYS B 63 7.26 -16.36 11.47
CA LYS B 63 7.10 -17.10 10.23
C LYS B 63 6.96 -16.15 9.04
N SER B 64 7.15 -16.67 7.83
CA SER B 64 7.01 -15.85 6.63
C SER B 64 5.67 -16.15 5.98
N THR B 65 4.63 -15.51 6.51
CA THR B 65 3.27 -15.71 6.03
C THR B 65 2.48 -14.41 5.83
N ARG B 66 1.28 -14.53 5.27
CA ARG B 66 0.40 -13.40 5.00
C ARG B 66 0.00 -12.78 6.33
N GLY B 67 0.04 -13.57 7.39
CA GLY B 67 -0.33 -13.09 8.71
C GLY B 67 0.82 -12.54 9.52
N ASN B 68 1.97 -12.31 8.89
CA ASN B 68 3.12 -11.77 9.62
C ASN B 68 4.06 -10.95 8.76
N VAL B 69 3.79 -10.88 7.47
CA VAL B 69 4.64 -10.12 6.57
C VAL B 69 3.79 -9.01 5.93
N VAL B 70 4.36 -7.80 5.82
CA VAL B 70 3.59 -6.69 5.30
C VAL B 70 4.43 -5.76 4.43
N PRO B 71 3.81 -5.13 3.41
CA PRO B 71 4.52 -4.22 2.49
C PRO B 71 4.95 -2.94 3.19
N ALA B 72 6.21 -2.56 3.03
CA ALA B 72 6.73 -1.35 3.67
C ALA B 72 7.71 -0.62 2.76
N CYS B 73 7.73 0.70 2.86
CA CYS B 73 8.65 1.49 2.05
C CYS B 73 10.02 1.49 2.73
N LYS B 74 11.06 1.83 1.99
CA LYS B 74 12.41 1.86 2.56
C LYS B 74 12.38 2.67 3.83
N GLU B 75 11.87 3.89 3.72
CA GLU B 75 11.80 4.80 4.86
C GLU B 75 11.25 4.13 6.14
N CYS B 76 9.95 3.85 6.18
CA CYS B 76 9.35 3.22 7.35
C CYS B 76 10.05 1.91 7.73
N ASN B 77 10.28 1.06 6.73
CA ASN B 77 10.93 -0.23 6.98
C ASN B 77 12.29 -0.10 7.67
N ASN B 78 13.03 0.96 7.36
CA ASN B 78 14.35 1.18 7.95
C ASN B 78 14.27 1.65 9.39
N ARG B 79 13.57 2.77 9.59
CA ARG B 79 13.40 3.34 10.92
C ARG B 79 12.93 2.28 11.90
N LYS B 80 12.12 1.35 11.41
CA LYS B 80 11.61 0.24 12.20
C LYS B 80 12.79 -0.54 12.79
N LYS B 81 13.80 -0.76 11.94
CA LYS B 81 15.03 -1.47 12.31
C LYS B 81 15.90 -0.79 13.36
N TYR B 82 16.19 0.49 13.14
CA TYR B 82 17.06 1.24 14.06
C TYR B 82 16.39 2.09 15.15
N LEU B 83 15.25 2.70 14.85
CA LEU B 83 14.57 3.50 15.87
C LEU B 83 14.38 2.61 17.09
N LEU B 84 14.16 3.22 18.23
CA LEU B 84 13.94 2.50 19.47
C LEU B 84 12.46 2.15 19.51
N PRO B 85 12.08 1.04 20.16
CA PRO B 85 10.66 0.67 20.23
C PRO B 85 9.77 1.85 20.63
N VAL B 86 10.35 2.79 21.37
CA VAL B 86 9.62 3.96 21.81
C VAL B 86 9.62 5.03 20.72
N GLU B 87 10.69 5.07 19.95
CA GLU B 87 10.84 6.05 18.86
C GLU B 87 9.96 5.71 17.67
N TRP B 88 9.84 4.41 17.39
CA TRP B 88 9.04 3.91 16.28
C TRP B 88 7.61 4.44 16.37
N GLU B 89 7.11 4.55 17.60
CA GLU B 89 5.76 5.06 17.84
C GLU B 89 5.65 6.55 17.59
N GLU B 90 6.58 7.31 18.13
CA GLU B 90 6.57 8.76 17.96
C GLU B 90 6.64 9.12 16.47
N TYR B 91 7.21 8.21 15.68
CA TYR B 91 7.34 8.41 14.25
C TYR B 91 6.01 8.11 13.55
N LEU B 92 5.44 6.95 13.82
CA LEU B 92 4.15 6.57 13.22
C LEU B 92 3.07 7.50 13.70
N ASP B 93 3.24 8.04 14.92
CA ASP B 93 2.27 8.95 15.51
C ASP B 93 2.57 10.39 15.14
N SER B 94 3.61 10.59 14.34
CA SER B 94 4.00 11.93 13.89
C SER B 94 3.52 12.11 12.47
N LEU B 95 3.13 11.00 11.83
CA LEU B 95 2.65 11.01 10.47
C LEU B 95 1.30 11.74 10.36
N ARG C 15 -9.02 -5.29 27.52
CA ARG C 15 -7.57 -5.07 27.81
C ARG C 15 -7.07 -3.91 26.93
N GLU C 16 -6.29 -4.25 25.91
CA GLU C 16 -5.78 -3.25 24.97
C GLU C 16 -6.95 -2.91 24.05
N LYS C 17 -8.09 -3.53 24.33
CA LYS C 17 -9.30 -3.31 23.57
C LYS C 17 -9.62 -1.81 23.64
N GLU C 18 -8.85 -1.12 24.47
CA GLU C 18 -8.95 0.32 24.64
C GLU C 18 -8.34 0.92 23.38
N LYS C 19 -7.01 0.83 23.26
CA LYS C 19 -6.33 1.36 22.08
C LYS C 19 -7.02 0.79 20.85
N ALA C 20 -7.62 -0.39 21.02
CA ALA C 20 -8.32 -1.06 19.95
C ALA C 20 -9.31 -0.13 19.27
N ARG C 21 -10.47 0.08 19.89
CA ARG C 21 -11.49 0.93 19.31
C ARG C 21 -10.97 2.35 19.03
N GLU C 22 -9.79 2.66 19.55
CA GLU C 22 -9.18 3.98 19.32
C GLU C 22 -8.75 4.11 17.87
N LEU C 23 -7.89 3.20 17.43
CA LEU C 23 -7.41 3.21 16.05
C LEU C 23 -8.59 3.36 15.09
N ARG C 24 -9.68 2.67 15.39
CA ARG C 24 -10.87 2.72 14.53
C ARG C 24 -11.38 4.14 14.30
N ARG C 25 -11.09 5.04 15.23
CA ARG C 25 -11.52 6.43 15.09
C ARG C 25 -10.41 7.33 14.60
N SER C 26 -9.25 6.74 14.33
CA SER C 26 -8.10 7.51 13.86
C SER C 26 -8.15 7.79 12.36
N GLN C 27 -7.25 8.61 11.87
CA GLN C 27 -7.21 8.92 10.45
C GLN C 27 -6.54 7.84 9.61
N TRP C 28 -5.39 7.36 10.08
CA TRP C 28 -4.68 6.32 9.35
C TRP C 28 -5.61 5.16 9.01
N TRP C 29 -6.53 4.87 9.93
CA TRP C 29 -7.49 3.79 9.76
C TRP C 29 -8.73 4.18 8.96
N LYS C 30 -9.07 5.46 8.98
CA LYS C 30 -10.23 5.92 8.22
C LYS C 30 -9.88 5.72 6.75
N ASN C 31 -8.79 6.33 6.33
CA ASN C 31 -8.35 6.21 4.93
C ASN C 31 -8.10 4.75 4.59
N ARG C 32 -7.63 4.00 5.60
CA ARG C 32 -7.34 2.59 5.43
C ARG C 32 -8.57 1.85 4.95
N ILE C 33 -9.62 1.84 5.77
CA ILE C 33 -10.86 1.15 5.42
C ILE C 33 -11.65 1.80 4.29
N ALA C 34 -11.13 2.90 3.77
CA ALA C 34 -11.77 3.61 2.67
C ALA C 34 -11.22 3.09 1.35
N ARG C 35 -9.93 2.74 1.34
CA ARG C 35 -9.33 2.19 0.14
C ARG C 35 -9.93 0.80 0.03
N GLY C 36 -10.36 0.28 1.19
CA GLY C 36 -10.98 -1.02 1.29
C GLY C 36 -10.22 -2.30 0.99
N ILE C 37 -8.88 -2.24 1.02
CA ILE C 37 -8.07 -3.43 0.70
C ILE C 37 -7.95 -4.39 1.86
N CYS C 38 -8.27 -5.66 1.61
CA CYS C 38 -8.13 -6.68 2.65
C CYS C 38 -6.67 -7.10 2.60
N HIS C 39 -6.01 -7.15 3.74
CA HIS C 39 -4.59 -7.53 3.79
C HIS C 39 -4.35 -8.91 3.22
N TYR C 40 -5.15 -9.86 3.69
CA TYR C 40 -5.04 -11.26 3.31
C TYR C 40 -5.30 -11.64 1.86
N CYS C 41 -6.44 -11.25 1.32
CA CYS C 41 -6.74 -11.64 -0.06
C CYS C 41 -6.45 -10.56 -1.09
N GLY C 42 -6.10 -9.37 -0.61
CA GLY C 42 -5.77 -8.27 -1.49
C GLY C 42 -6.94 -7.71 -2.30
N GLU C 43 -8.16 -8.07 -1.92
CA GLU C 43 -9.35 -7.58 -2.62
C GLU C 43 -9.89 -6.31 -1.97
N ILE C 44 -10.77 -5.62 -2.69
CA ILE C 44 -11.35 -4.39 -2.16
C ILE C 44 -12.81 -4.56 -1.75
N PHE C 45 -13.13 -4.07 -0.55
CA PHE C 45 -14.48 -4.19 -0.02
C PHE C 45 -15.05 -2.88 0.49
N PRO C 46 -16.35 -2.89 0.87
CA PRO C 46 -17.03 -1.72 1.41
C PRO C 46 -16.81 -1.71 2.93
N PRO C 47 -16.78 -0.52 3.54
CA PRO C 47 -16.57 -0.43 4.99
C PRO C 47 -17.41 -1.42 5.79
N GLU C 48 -18.51 -1.86 5.18
CA GLU C 48 -19.41 -2.80 5.83
C GLU C 48 -18.93 -4.23 5.78
N GLU C 49 -17.94 -4.50 4.94
CA GLU C 49 -17.40 -5.84 4.83
C GLU C 49 -15.98 -5.94 5.34
N LEU C 50 -15.46 -4.84 5.89
CA LEU C 50 -14.10 -4.84 6.41
C LEU C 50 -14.07 -4.78 7.92
N THR C 51 -13.17 -5.57 8.49
CA THR C 51 -12.98 -5.65 9.94
C THR C 51 -11.53 -5.30 10.25
N ASP C 53 -8.21 -6.49 12.16
CA ASP C 53 -7.63 -7.70 12.71
C ASP C 53 -6.19 -7.46 13.13
N HIS C 54 -5.76 -8.17 14.17
CA HIS C 54 -4.40 -8.06 14.67
C HIS C 54 -3.57 -9.16 14.04
N LEU C 55 -2.56 -8.75 13.28
CA LEU C 55 -1.67 -9.68 12.59
C LEU C 55 -1.07 -10.60 13.64
N VAL C 56 -0.50 -10.01 14.68
CA VAL C 56 0.09 -10.74 15.80
C VAL C 56 -1.03 -10.85 16.83
N PRO C 57 -1.69 -12.01 16.90
CA PRO C 57 -2.78 -12.21 17.86
C PRO C 57 -2.54 -11.48 19.19
N VAL C 58 -3.62 -10.96 19.77
CA VAL C 58 -3.53 -10.23 21.04
C VAL C 58 -3.24 -11.21 22.17
N VAL C 59 -3.68 -12.45 21.98
CA VAL C 59 -3.48 -13.49 22.97
C VAL C 59 -1.99 -13.64 23.29
N ARG C 60 -1.17 -13.77 22.25
CA ARG C 60 0.28 -13.90 22.44
C ARG C 60 0.90 -12.57 22.84
N GLY C 61 0.07 -11.65 23.34
CA GLY C 61 0.55 -10.35 23.77
C GLY C 61 0.73 -9.32 22.68
N GLY C 62 -0.10 -9.39 21.64
CA GLY C 62 -0.02 -8.43 20.56
C GLY C 62 -0.73 -7.14 20.95
N LYS C 63 -0.10 -6.00 20.73
CA LYS C 63 -0.70 -4.71 21.08
C LYS C 63 -1.51 -4.13 19.92
N SER C 64 -2.25 -3.06 20.19
CA SER C 64 -3.06 -2.43 19.16
C SER C 64 -2.36 -1.16 18.70
N THR C 65 -1.64 -1.27 17.60
CA THR C 65 -0.91 -0.13 17.05
C THR C 65 -0.81 -0.25 15.53
N ARG C 66 -0.62 0.88 14.86
CA ARG C 66 -0.51 0.93 13.40
C ARG C 66 0.11 -0.30 12.74
N GLY C 67 1.23 -0.75 13.30
CA GLY C 67 1.92 -1.89 12.73
C GLY C 67 1.19 -3.21 12.82
N ASN C 68 0.74 -3.58 14.01
CA ASN C 68 0.06 -4.87 14.18
C ASN C 68 -1.46 -4.93 13.97
N VAL C 69 -1.99 -3.99 13.21
CA VAL C 69 -3.43 -3.95 12.94
C VAL C 69 -3.69 -3.72 11.45
N VAL C 70 -4.47 -4.60 10.85
CA VAL C 70 -4.75 -4.52 9.42
C VAL C 70 -6.23 -4.76 9.07
N PRO C 71 -6.70 -4.24 7.92
CA PRO C 71 -8.09 -4.42 7.46
C PRO C 71 -8.24 -5.85 6.97
N ALA C 72 -9.43 -6.44 7.14
CA ALA C 72 -9.66 -7.80 6.69
C ALA C 72 -11.15 -8.02 6.48
N CYS C 73 -11.53 -8.55 5.32
CA CYS C 73 -12.95 -8.78 5.08
C CYS C 73 -13.43 -9.88 6.03
N LYS C 74 -14.74 -9.98 6.18
CA LYS C 74 -15.35 -10.97 7.06
C LYS C 74 -14.84 -12.38 6.79
N GLU C 75 -14.80 -12.78 5.52
CA GLU C 75 -14.34 -14.12 5.18
C GLU C 75 -12.95 -14.38 5.74
N CYS C 76 -11.98 -13.58 5.32
CA CYS C 76 -10.60 -13.73 5.80
C CYS C 76 -10.51 -13.63 7.32
N ASN C 77 -11.25 -12.68 7.91
CA ASN C 77 -11.23 -12.50 9.35
C ASN C 77 -11.82 -13.69 10.09
N ASN C 78 -12.92 -14.23 9.58
CA ASN C 78 -13.54 -15.37 10.24
C ASN C 78 -12.81 -16.66 9.92
N ARG C 79 -12.47 -16.87 8.64
CA ARG C 79 -11.75 -18.08 8.26
C ARG C 79 -10.41 -18.24 9.00
N LYS C 80 -9.77 -17.13 9.36
CA LYS C 80 -8.51 -17.20 10.08
C LYS C 80 -8.80 -17.44 11.57
N LYS C 81 -9.85 -16.81 12.07
CA LYS C 81 -10.26 -16.92 13.48
C LYS C 81 -11.01 -18.19 13.83
N TYR C 82 -11.12 -19.13 12.88
CA TYR C 82 -11.85 -20.37 13.14
C TYR C 82 -11.31 -21.62 12.47
N LEU C 83 -10.73 -21.48 11.27
CA LEU C 83 -10.19 -22.66 10.56
C LEU C 83 -8.90 -23.16 11.22
N LEU C 84 -8.81 -24.46 11.43
CA LEU C 84 -7.63 -25.07 12.05
C LEU C 84 -6.34 -24.59 11.40
N PRO C 85 -5.21 -24.72 12.11
CA PRO C 85 -3.92 -24.30 11.56
C PRO C 85 -3.65 -24.80 10.15
N VAL C 86 -4.11 -26.01 9.86
CA VAL C 86 -3.90 -26.60 8.55
C VAL C 86 -4.97 -26.19 7.54
N GLU C 87 -6.16 -25.88 8.04
CA GLU C 87 -7.27 -25.49 7.19
C GLU C 87 -7.22 -24.03 6.74
N TRP C 88 -6.62 -23.16 7.54
CA TRP C 88 -6.50 -21.74 7.19
C TRP C 88 -5.48 -21.58 6.07
N GLU C 89 -4.40 -22.34 6.13
CA GLU C 89 -3.37 -22.27 5.11
C GLU C 89 -3.93 -22.71 3.77
N GLU C 90 -4.91 -23.61 3.82
CA GLU C 90 -5.54 -24.11 2.61
C GLU C 90 -6.45 -23.09 1.93
N TYR C 91 -7.11 -22.25 2.74
CA TYR C 91 -8.00 -21.22 2.22
C TYR C 91 -7.21 -20.26 1.34
N LEU C 92 -6.00 -19.92 1.79
CA LEU C 92 -5.14 -19.00 1.06
C LEU C 92 -4.65 -19.60 -0.27
N ASP C 93 -4.20 -20.86 -0.23
CA ASP C 93 -3.70 -21.53 -1.43
C ASP C 93 -4.78 -21.57 -2.52
N SER C 94 -6.03 -21.48 -2.11
CA SER C 94 -7.15 -21.51 -3.04
C SER C 94 -7.47 -20.11 -3.58
N LEU C 95 -6.97 -19.08 -2.92
CA LEU C 95 -7.21 -17.71 -3.37
C LEU C 95 -6.43 -17.45 -4.65
#